data_4JIX
#
_entry.id   4JIX
#
_cell.length_a   76.590
_cell.length_b   76.590
_cell.length_c   124.310
_cell.angle_alpha   90.00
_cell.angle_beta   90.00
_cell.angle_gamma   120.00
#
_symmetry.space_group_name_H-M   'P 31 2 1'
#
loop_
_entity.id
_entity.type
_entity.pdbx_description
1 polymer Projannalysin
2 non-polymer 'ZINC ION'
3 non-polymer 2-AMINO-2-HYDROXYMETHYL-PROPANE-1,3-DIOL
4 non-polymer 'SULFATE ION'
5 non-polymer 'CHLORIDE ION'
6 non-polymer GLYCEROL
7 water water
#
_entity_poly.entity_id   1
_entity_poly.type   'polypeptide(L)'
_entity_poly.pdbx_seq_one_letter_code
;GPMAINENKKDIKDIVNEILISLNINESINIEIKPMKQKIASFSFKTKTLRLNKYVVENFDEELLHYIILHELIHFKIKS
INHGIKFENELRNYFSKNECDEIELKIIQKLI
;
_entity_poly.pdbx_strand_id   A,B
#
loop_
_chem_comp.id
_chem_comp.type
_chem_comp.name
_chem_comp.formula
CL non-polymer 'CHLORIDE ION' 'Cl -1'
GOL non-polymer GLYCEROL 'C3 H8 O3'
SO4 non-polymer 'SULFATE ION' 'O4 S -2'
TRS non-polymer 2-AMINO-2-HYDROXYMETHYL-PROPANE-1,3-DIOL 'C4 H12 N O3 1'
ZN non-polymer 'ZINC ION' 'Zn 2'
#
# COMPACT_ATOMS: atom_id res chain seq x y z
N GLY A 1 -9.30 -19.66 23.49
CA GLY A 1 -10.01 -18.54 24.09
C GLY A 1 -11.12 -18.01 23.20
N PRO A 2 -12.14 -17.32 23.77
CA PRO A 2 -13.21 -16.78 22.91
C PRO A 2 -12.73 -15.57 22.13
N MET A 3 -13.11 -15.49 20.85
CA MET A 3 -12.74 -14.38 20.01
C MET A 3 -13.58 -13.16 20.40
N ALA A 4 -12.90 -12.03 20.70
CA ALA A 4 -13.56 -10.76 20.99
C ALA A 4 -14.33 -10.34 19.75
N ILE A 5 -15.62 -9.98 19.91
CA ILE A 5 -16.53 -9.63 18.82
C ILE A 5 -15.95 -8.50 17.96
N ASN A 6 -15.77 -8.79 16.65
CA ASN A 6 -15.30 -7.82 15.66
C ASN A 6 -16.40 -6.78 15.50
N GLU A 7 -16.12 -5.57 16.02
CA GLU A 7 -17.03 -4.42 16.05
C GLU A 7 -17.61 -4.10 14.66
N ASN A 8 -18.88 -3.63 14.65
CA ASN A 8 -19.64 -3.25 13.46
C ASN A 8 -18.86 -2.28 12.58
N LYS A 9 -18.67 -2.67 11.31
CA LYS A 9 -17.93 -1.86 10.34
C LYS A 9 -18.72 -0.58 10.07
N LYS A 10 -18.06 0.57 10.27
CA LYS A 10 -18.62 1.90 10.01
C LYS A 10 -18.86 2.01 8.51
N ASP A 11 -20.02 2.55 8.11
CA ASP A 11 -20.35 2.74 6.70
C ASP A 11 -19.34 3.70 6.08
N ILE A 12 -18.89 3.38 4.86
CA ILE A 12 -17.89 4.17 4.13
C ILE A 12 -18.31 5.66 4.03
N LYS A 13 -19.61 5.92 3.80
CA LYS A 13 -20.15 7.29 3.70
C LYS A 13 -19.97 8.05 5.02
N ASP A 14 -20.12 7.35 6.17
CA ASP A 14 -19.93 7.94 7.50
C ASP A 14 -18.47 8.30 7.73
N ILE A 15 -17.51 7.46 7.28
CA ILE A 15 -16.08 7.74 7.41
C ILE A 15 -15.76 9.03 6.61
N VAL A 16 -16.25 9.11 5.36
CA VAL A 16 -16.05 10.27 4.48
C VAL A 16 -16.63 11.55 5.14
N ASN A 17 -17.90 11.50 5.60
CA ASN A 17 -18.57 12.66 6.18
C ASN A 17 -17.88 13.19 7.43
N GLU A 18 -17.34 12.29 8.28
CA GLU A 18 -16.61 12.66 9.49
C GLU A 18 -15.33 13.45 9.15
N ILE A 19 -14.63 13.07 8.08
CA ILE A 19 -13.41 13.74 7.61
C ILE A 19 -13.77 15.09 6.98
N LEU A 20 -14.83 15.16 6.16
CA LEU A 20 -15.29 16.43 5.59
C LEU A 20 -15.63 17.40 6.73
N ILE A 21 -16.24 16.91 7.82
CA ILE A 21 -16.58 17.75 8.99
C ILE A 21 -15.28 18.23 9.69
N SER A 22 -14.36 17.28 10.05
CA SER A 22 -13.11 17.62 10.76
C SER A 22 -12.21 18.55 9.94
N LEU A 23 -12.20 18.40 8.59
CA LEU A 23 -11.41 19.27 7.72
C LEU A 23 -12.14 20.57 7.36
N ASN A 24 -13.41 20.71 7.79
CA ASN A 24 -14.27 21.88 7.52
C ASN A 24 -14.44 22.13 6.00
N ILE A 25 -14.75 21.05 5.26
CA ILE A 25 -15.01 21.12 3.81
C ILE A 25 -16.54 21.13 3.61
N ASN A 26 -17.09 22.23 3.08
CA ASN A 26 -18.53 22.29 2.79
C ASN A 26 -18.80 22.20 1.29
N GLU A 27 -17.78 21.90 0.48
CA GLU A 27 -18.02 21.71 -0.94
C GLU A 27 -18.56 20.31 -1.11
N SER A 28 -19.54 20.14 -1.99
CA SER A 28 -20.13 18.83 -2.29
C SER A 28 -19.14 17.94 -3.04
N ILE A 29 -19.14 16.64 -2.74
CA ILE A 29 -18.28 15.69 -3.47
C ILE A 29 -19.10 14.47 -3.90
N ASN A 30 -18.59 13.76 -4.90
CA ASN A 30 -19.16 12.50 -5.35
C ASN A 30 -18.29 11.40 -4.80
N ILE A 31 -18.87 10.28 -4.39
CA ILE A 31 -18.13 9.13 -3.88
C ILE A 31 -18.37 7.96 -4.84
N GLU A 32 -17.29 7.42 -5.42
CA GLU A 32 -17.37 6.28 -6.34
C GLU A 32 -16.57 5.11 -5.78
N ILE A 33 -17.25 4.02 -5.44
CA ILE A 33 -16.61 2.81 -4.93
C ILE A 33 -16.70 1.80 -6.07
N LYS A 34 -15.57 1.56 -6.74
CA LYS A 34 -15.55 0.67 -7.90
C LYS A 34 -14.22 -0.11 -7.98
N PRO A 35 -14.17 -1.24 -8.74
CA PRO A 35 -12.87 -1.92 -8.90
C PRO A 35 -11.93 -0.98 -9.63
N MET A 36 -10.74 -0.80 -9.09
CA MET A 36 -9.71 0.08 -9.66
C MET A 36 -8.45 -0.74 -9.82
N LYS A 37 -7.86 -0.72 -11.01
CA LYS A 37 -6.67 -1.49 -11.37
C LYS A 37 -5.38 -0.74 -11.05
N GLN A 38 -5.38 0.58 -11.17
CA GLN A 38 -4.20 1.43 -11.07
C GLN A 38 -3.91 2.02 -9.69
N LYS A 39 -4.95 2.18 -8.84
CA LYS A 39 -4.84 2.82 -7.52
C LYS A 39 -5.79 2.20 -6.53
N ILE A 40 -5.64 2.56 -5.25
CA ILE A 40 -6.61 2.14 -4.24
C ILE A 40 -7.52 3.36 -3.93
N ALA A 41 -7.04 4.59 -4.25
CA ALA A 41 -7.82 5.82 -4.06
C ALA A 41 -7.31 6.96 -4.93
N SER A 42 -8.22 7.84 -5.33
CA SER A 42 -7.88 9.02 -6.12
C SER A 42 -8.94 10.10 -5.88
N PHE A 43 -8.63 11.31 -6.30
CA PHE A 43 -9.55 12.42 -6.20
C PHE A 43 -9.44 13.22 -7.47
N SER A 44 -10.59 13.49 -8.10
CA SER A 44 -10.59 14.30 -9.30
C SER A 44 -11.11 15.70 -8.98
N PHE A 45 -10.28 16.73 -9.18
CA PHE A 45 -10.71 18.13 -8.97
C PHE A 45 -11.72 18.56 -10.04
N LYS A 46 -11.63 17.97 -11.24
CA LYS A 46 -12.51 18.28 -12.38
C LYS A 46 -13.97 17.91 -12.05
N THR A 47 -14.21 16.70 -11.50
CA THR A 47 -15.58 16.27 -11.17
C THR A 47 -15.87 16.27 -9.66
N LYS A 48 -14.87 16.61 -8.81
CA LYS A 48 -14.97 16.60 -7.34
C LYS A 48 -15.42 15.20 -6.90
N THR A 49 -14.73 14.17 -7.43
CA THR A 49 -15.07 12.78 -7.16
C THR A 49 -13.98 12.08 -6.39
N LEU A 50 -14.34 11.54 -5.23
CA LEU A 50 -13.45 10.72 -4.44
C LEU A 50 -13.66 9.29 -4.96
N ARG A 51 -12.60 8.66 -5.51
CA ARG A 51 -12.72 7.28 -6.01
C ARG A 51 -12.03 6.34 -5.05
N LEU A 52 -12.73 5.27 -4.65
CA LEU A 52 -12.18 4.29 -3.71
C LEU A 52 -12.28 2.89 -4.28
N ASN A 53 -11.19 2.11 -4.17
CA ASN A 53 -11.14 0.76 -4.68
C ASN A 53 -12.11 -0.12 -3.87
N LYS A 54 -13.02 -0.80 -4.58
CA LYS A 54 -14.08 -1.65 -4.02
C LYS A 54 -13.56 -2.73 -3.06
N TYR A 55 -12.53 -3.50 -3.44
CA TYR A 55 -12.00 -4.54 -2.56
C TYR A 55 -11.43 -3.95 -1.25
N VAL A 56 -10.72 -2.81 -1.35
CA VAL A 56 -10.12 -2.10 -0.22
C VAL A 56 -11.24 -1.62 0.74
N VAL A 57 -12.31 -1.01 0.20
CA VAL A 57 -13.43 -0.51 1.01
C VAL A 57 -14.11 -1.67 1.78
N GLU A 58 -14.16 -2.85 1.16
CA GLU A 58 -14.82 -4.02 1.76
C GLU A 58 -13.91 -4.83 2.70
N ASN A 59 -12.59 -4.67 2.63
CA ASN A 59 -11.70 -5.53 3.43
C ASN A 59 -10.73 -4.78 4.37
N PHE A 60 -10.46 -3.48 4.17
CA PHE A 60 -9.52 -2.78 5.06
C PHE A 60 -10.20 -2.29 6.31
N ASP A 61 -9.48 -2.27 7.45
CA ASP A 61 -9.97 -1.77 8.74
C ASP A 61 -10.25 -0.25 8.63
N GLU A 62 -11.07 0.27 9.53
CA GLU A 62 -11.46 1.69 9.56
C GLU A 62 -10.25 2.61 9.62
N GLU A 63 -9.27 2.30 10.48
CA GLU A 63 -8.06 3.12 10.61
C GLU A 63 -7.38 3.34 9.24
N LEU A 64 -7.26 2.27 8.40
CA LEU A 64 -6.61 2.41 7.09
C LEU A 64 -7.49 3.19 6.13
N LEU A 65 -8.80 2.93 6.14
CA LEU A 65 -9.74 3.65 5.27
C LEU A 65 -9.77 5.15 5.59
N HIS A 66 -9.78 5.50 6.89
CA HIS A 66 -9.77 6.88 7.36
C HIS A 66 -8.53 7.63 6.86
N TYR A 67 -7.35 7.00 6.99
CA TYR A 67 -6.07 7.59 6.57
C TYR A 67 -6.03 7.87 5.06
N ILE A 68 -6.52 6.90 4.26
CA ILE A 68 -6.55 6.95 2.79
C ILE A 68 -7.47 8.10 2.34
N ILE A 69 -8.70 8.17 2.90
CA ILE A 69 -9.68 9.20 2.57
C ILE A 69 -9.15 10.57 3.02
N LEU A 70 -8.56 10.64 4.24
CA LEU A 70 -7.96 11.86 4.78
C LEU A 70 -6.91 12.40 3.81
N HIS A 71 -6.05 11.52 3.26
CA HIS A 71 -5.03 11.93 2.30
C HIS A 71 -5.68 12.67 1.09
N GLU A 72 -6.68 12.04 0.46
CA GLU A 72 -7.33 12.64 -0.71
C GLU A 72 -8.02 13.96 -0.42
N LEU A 73 -8.68 14.03 0.75
CA LEU A 73 -9.47 15.19 1.11
C LEU A 73 -8.61 16.34 1.58
N ILE A 74 -7.38 16.09 2.09
CA ILE A 74 -6.44 17.18 2.42
C ILE A 74 -6.09 17.89 1.10
N HIS A 75 -5.80 17.12 0.01
CA HIS A 75 -5.52 17.69 -1.32
C HIS A 75 -6.67 18.61 -1.75
N PHE A 76 -7.93 18.13 -1.59
CA PHE A 76 -9.09 18.90 -1.97
C PHE A 76 -9.19 20.18 -1.13
N LYS A 77 -8.93 20.08 0.20
CA LYS A 77 -8.99 21.25 1.07
C LYS A 77 -7.97 22.34 0.71
N ILE A 78 -6.71 21.96 0.46
CA ILE A 78 -5.63 22.91 0.19
C ILE A 78 -5.56 23.33 -1.31
N LYS A 79 -6.39 22.70 -2.16
CA LYS A 79 -6.44 22.95 -3.62
C LYS A 79 -5.03 22.75 -4.24
N SER A 80 -4.42 21.59 -3.91
CA SER A 80 -3.10 21.24 -4.43
C SER A 80 -2.99 19.74 -4.58
N ILE A 81 -2.45 19.28 -5.72
CA ILE A 81 -2.19 17.85 -5.95
C ILE A 81 -0.84 17.46 -5.31
N ASN A 82 -0.10 18.44 -4.77
CA ASN A 82 1.22 18.21 -4.18
C ASN A 82 1.17 17.95 -2.67
N HIS A 83 2.30 17.48 -2.12
CA HIS A 83 2.46 17.18 -0.71
C HIS A 83 3.47 18.17 -0.11
N GLY A 84 3.20 19.45 -0.28
CA GLY A 84 4.07 20.49 0.26
C GLY A 84 3.91 20.68 1.76
N ILE A 85 4.45 21.78 2.28
CA ILE A 85 4.33 22.13 3.71
C ILE A 85 2.83 22.34 4.07
N LYS A 86 2.02 22.89 3.13
CA LYS A 86 0.58 23.11 3.34
C LYS A 86 -0.16 21.76 3.49
N PHE A 87 0.32 20.70 2.81
CA PHE A 87 -0.25 19.36 2.96
C PHE A 87 0.12 18.82 4.34
N GLU A 88 1.43 18.89 4.69
CA GLU A 88 1.96 18.44 5.99
C GLU A 88 1.27 19.15 7.14
N ASN A 89 1.01 20.47 7.02
CA ASN A 89 0.34 21.26 8.07
C ASN A 89 -1.04 20.70 8.43
N GLU A 90 -1.84 20.29 7.42
CA GLU A 90 -3.17 19.71 7.66
C GLU A 90 -3.06 18.32 8.25
N LEU A 91 -2.16 17.48 7.69
CA LEU A 91 -1.96 16.11 8.13
C LEU A 91 -1.48 16.03 9.58
N ARG A 92 -0.62 16.98 10.01
CA ARG A 92 -0.07 17.01 11.37
C ARG A 92 -1.11 17.26 12.46
N ASN A 93 -2.32 17.75 12.10
CA ASN A 93 -3.42 17.95 13.05
C ASN A 93 -4.05 16.59 13.37
N TYR A 94 -3.70 15.55 12.61
CA TYR A 94 -4.25 14.21 12.76
C TYR A 94 -3.20 13.21 13.22
N PHE A 95 -2.02 13.21 12.57
CA PHE A 95 -0.96 12.24 12.84
C PHE A 95 0.44 12.82 12.73
N SER A 96 1.32 12.38 13.64
CA SER A 96 2.75 12.70 13.59
C SER A 96 3.38 11.94 12.42
N LYS A 97 4.62 12.29 12.04
CA LYS A 97 5.33 11.61 10.96
C LYS A 97 5.46 10.11 11.25
N ASN A 98 5.80 9.74 12.51
CA ASN A 98 5.95 8.35 12.94
C ASN A 98 4.65 7.57 12.80
N GLU A 99 3.51 8.17 13.23
CA GLU A 99 2.18 7.56 13.10
C GLU A 99 1.81 7.35 11.63
N CYS A 100 2.17 8.31 10.74
CA CYS A 100 1.92 8.19 9.31
C CYS A 100 2.71 7.02 8.72
N ASP A 101 4.00 6.89 9.09
CA ASP A 101 4.86 5.80 8.61
C ASP A 101 4.27 4.45 9.01
N GLU A 102 3.75 4.36 10.25
CA GLU A 102 3.13 3.15 10.80
C GLU A 102 1.90 2.71 10.03
N ILE A 103 0.97 3.64 9.78
CA ILE A 103 -0.27 3.34 9.05
C ILE A 103 0.05 3.00 7.58
N GLU A 104 0.94 3.77 6.96
CA GLU A 104 1.34 3.55 5.57
C GLU A 104 1.97 2.17 5.41
N LEU A 105 2.74 1.71 6.41
CA LEU A 105 3.33 0.36 6.33
C LEU A 105 2.22 -0.73 6.44
N LYS A 106 1.17 -0.48 7.26
CA LYS A 106 0.05 -1.42 7.38
C LYS A 106 -0.66 -1.55 6.01
N ILE A 107 -0.85 -0.42 5.31
CA ILE A 107 -1.46 -0.38 3.98
C ILE A 107 -0.61 -1.20 3.00
N ILE A 108 0.69 -0.94 2.96
CA ILE A 108 1.60 -1.65 2.06
C ILE A 108 1.52 -3.16 2.33
N GLN A 109 1.55 -3.57 3.61
CA GLN A 109 1.58 -4.98 4.00
C GLN A 109 0.21 -5.67 3.89
N LYS A 110 -0.85 -4.92 3.55
CA LYS A 110 -2.14 -5.51 3.20
C LYS A 110 -2.07 -5.97 1.73
N LEU A 111 -1.12 -5.40 0.95
CA LEU A 111 -1.02 -5.65 -0.49
C LEU A 111 0.18 -6.45 -0.93
N ILE A 112 1.21 -6.55 -0.07
CA ILE A 112 2.43 -7.34 -0.32
C ILE A 112 2.68 -8.22 0.92
N LYS B 9 13.06 -1.68 -18.16
CA LYS B 9 13.74 -2.26 -19.31
C LYS B 9 14.11 -3.74 -19.05
N LYS B 10 14.64 -4.04 -17.84
CA LYS B 10 15.02 -5.40 -17.44
C LYS B 10 13.76 -6.26 -17.28
N ASP B 11 13.73 -7.46 -17.90
CA ASP B 11 12.60 -8.36 -17.81
C ASP B 11 12.35 -8.75 -16.33
N ILE B 12 11.08 -8.75 -15.92
CA ILE B 12 10.67 -9.02 -14.54
C ILE B 12 11.19 -10.38 -14.03
N LYS B 13 11.16 -11.44 -14.87
CA LYS B 13 11.63 -12.77 -14.45
C LYS B 13 13.14 -12.79 -14.25
N ASP B 14 13.90 -11.96 -15.00
CA ASP B 14 15.35 -11.82 -14.81
C ASP B 14 15.63 -11.19 -13.43
N ILE B 15 14.84 -10.16 -13.06
CA ILE B 15 14.94 -9.50 -11.75
C ILE B 15 14.65 -10.52 -10.62
N VAL B 16 13.54 -11.28 -10.72
CA VAL B 16 13.19 -12.29 -9.70
C VAL B 16 14.31 -13.30 -9.56
N ASN B 17 14.84 -13.80 -10.70
CA ASN B 17 15.91 -14.80 -10.69
C ASN B 17 17.20 -14.27 -10.06
N GLU B 18 17.54 -12.99 -10.28
CA GLU B 18 18.73 -12.38 -9.67
C GLU B 18 18.57 -12.30 -8.16
N ILE B 19 17.36 -11.98 -7.70
CA ILE B 19 17.06 -11.85 -6.27
C ILE B 19 17.06 -13.23 -5.59
N LEU B 20 16.52 -14.26 -6.25
CA LEU B 20 16.55 -15.62 -5.68
C LEU B 20 18.01 -16.04 -5.39
N ILE B 21 18.91 -15.74 -6.34
CA ILE B 21 20.32 -16.08 -6.23
C ILE B 21 21.03 -15.17 -5.23
N SER B 22 20.78 -13.83 -5.23
CA SER B 22 21.49 -12.98 -4.27
C SER B 22 21.03 -13.28 -2.81
N LEU B 23 19.79 -13.77 -2.64
CA LEU B 23 19.32 -14.16 -1.30
C LEU B 23 19.84 -15.54 -0.90
N ASN B 24 20.56 -16.25 -1.80
CA ASN B 24 21.10 -17.60 -1.57
C ASN B 24 19.97 -18.60 -1.33
N ILE B 25 18.84 -18.43 -2.03
CA ILE B 25 17.71 -19.35 -2.00
C ILE B 25 18.09 -20.47 -2.97
N ASN B 26 17.87 -21.73 -2.58
CA ASN B 26 18.25 -22.87 -3.43
C ASN B 26 17.05 -23.81 -3.66
N GLU B 27 15.85 -23.29 -3.44
CA GLU B 27 14.58 -23.98 -3.64
C GLU B 27 13.84 -23.29 -4.75
N SER B 28 13.59 -24.00 -5.84
CA SER B 28 12.88 -23.53 -7.03
C SER B 28 11.47 -23.02 -6.71
N ILE B 29 11.03 -22.01 -7.47
CA ILE B 29 9.70 -21.42 -7.30
C ILE B 29 9.00 -21.31 -8.64
N ASN B 30 7.70 -21.00 -8.60
CA ASN B 30 6.89 -20.67 -9.76
C ASN B 30 6.69 -19.18 -9.74
N ILE B 31 6.76 -18.51 -10.91
CA ILE B 31 6.52 -17.07 -11.00
C ILE B 31 5.30 -16.82 -11.88
N GLU B 32 4.30 -16.11 -11.35
CA GLU B 32 3.11 -15.75 -12.12
C GLU B 32 2.97 -14.23 -12.17
N ILE B 33 2.87 -13.68 -13.38
CA ILE B 33 2.63 -12.24 -13.61
C ILE B 33 1.23 -12.17 -14.16
N LYS B 34 0.31 -11.67 -13.37
CA LYS B 34 -1.09 -11.65 -13.80
C LYS B 34 -1.86 -10.48 -13.19
N PRO B 35 -3.02 -10.07 -13.79
CA PRO B 35 -3.85 -9.05 -13.13
C PRO B 35 -4.31 -9.58 -11.78
N MET B 36 -4.24 -8.74 -10.75
CA MET B 36 -4.61 -9.11 -9.39
C MET B 36 -5.50 -8.02 -8.82
N LYS B 37 -6.74 -8.36 -8.46
CA LYS B 37 -7.70 -7.38 -7.95
C LYS B 37 -7.55 -7.10 -6.44
N GLN B 38 -6.91 -8.02 -5.70
CA GLN B 38 -6.79 -7.94 -4.24
C GLN B 38 -5.38 -7.64 -3.70
N LYS B 39 -4.32 -7.80 -4.51
CA LYS B 39 -2.97 -7.60 -3.99
C LYS B 39 -1.99 -7.09 -5.04
N ILE B 40 -0.81 -6.63 -4.60
CA ILE B 40 0.31 -6.19 -5.46
C ILE B 40 1.23 -7.41 -5.69
N ALA B 41 1.43 -8.21 -4.64
CA ALA B 41 2.29 -9.40 -4.68
C ALA B 41 1.93 -10.34 -3.56
N SER B 42 2.15 -11.64 -3.79
CA SER B 42 1.90 -12.67 -2.79
C SER B 42 2.85 -13.85 -3.00
N PHE B 43 3.03 -14.66 -1.95
CA PHE B 43 3.84 -15.86 -2.03
C PHE B 43 3.10 -17.00 -1.35
N SER B 44 2.85 -18.07 -2.09
CA SER B 44 2.19 -19.27 -1.57
C SER B 44 3.24 -20.28 -1.15
N PHE B 45 3.38 -20.55 0.16
CA PHE B 45 4.32 -21.54 0.67
C PHE B 45 3.91 -22.96 0.23
N LYS B 46 2.59 -23.19 0.05
CA LYS B 46 2.03 -24.48 -0.34
C LYS B 46 2.49 -24.88 -1.77
N THR B 47 2.37 -23.96 -2.75
CA THR B 47 2.74 -24.27 -4.14
C THR B 47 4.09 -23.63 -4.55
N LYS B 48 4.73 -22.88 -3.61
CA LYS B 48 6.00 -22.18 -3.84
C LYS B 48 5.82 -21.28 -5.08
N THR B 49 4.74 -20.47 -5.08
CA THR B 49 4.41 -19.60 -6.20
C THR B 49 4.46 -18.13 -5.78
N LEU B 50 5.28 -17.35 -6.50
CA LEU B 50 5.38 -15.91 -6.38
C LEU B 50 4.42 -15.31 -7.40
N ARG B 51 3.47 -14.50 -6.94
CA ARG B 51 2.51 -13.85 -7.83
C ARG B 51 2.76 -12.35 -7.81
N LEU B 52 2.93 -11.74 -9.00
CA LEU B 52 3.16 -10.29 -9.07
C LEU B 52 2.09 -9.65 -9.93
N ASN B 53 1.53 -8.55 -9.44
CA ASN B 53 0.47 -7.82 -10.12
C ASN B 53 1.02 -7.24 -11.44
N LYS B 54 0.43 -7.65 -12.58
CA LYS B 54 0.85 -7.27 -13.93
C LYS B 54 0.93 -5.74 -14.12
N TYR B 55 -0.09 -4.99 -13.65
CA TYR B 55 -0.08 -3.54 -13.77
C TYR B 55 1.15 -2.94 -13.05
N VAL B 56 1.41 -3.40 -11.82
CA VAL B 56 2.54 -2.91 -10.98
C VAL B 56 3.87 -3.20 -11.70
N VAL B 57 4.04 -4.44 -12.19
CA VAL B 57 5.22 -4.91 -12.93
C VAL B 57 5.52 -3.98 -14.13
N GLU B 58 4.46 -3.58 -14.84
CA GLU B 58 4.57 -2.74 -16.05
C GLU B 58 4.62 -1.23 -15.78
N ASN B 59 4.28 -0.78 -14.57
CA ASN B 59 4.20 0.66 -14.30
C ASN B 59 5.06 1.18 -13.14
N PHE B 60 5.49 0.32 -12.20
CA PHE B 60 6.31 0.79 -11.08
C PHE B 60 7.78 0.81 -11.43
N ASP B 61 8.52 1.81 -10.89
CA ASP B 61 9.97 1.92 -11.08
C ASP B 61 10.68 0.65 -10.54
N GLU B 62 11.81 0.30 -11.14
CA GLU B 62 12.60 -0.89 -10.84
C GLU B 62 12.95 -1.07 -9.36
N GLU B 63 13.31 0.01 -8.67
CA GLU B 63 13.65 -0.01 -7.25
C GLU B 63 12.44 -0.43 -6.38
N LEU B 64 11.23 0.01 -6.77
CA LEU B 64 10.01 -0.36 -6.03
C LEU B 64 9.75 -1.83 -6.22
N LEU B 65 9.99 -2.35 -7.46
CA LEU B 65 9.83 -3.77 -7.80
C LEU B 65 10.82 -4.63 -7.01
N HIS B 66 12.07 -4.16 -6.88
CA HIS B 66 13.11 -4.82 -6.10
C HIS B 66 12.65 -5.03 -4.66
N TYR B 67 12.16 -3.94 -4.02
CA TYR B 67 11.67 -3.95 -2.65
C TYR B 67 10.49 -4.94 -2.50
N ILE B 68 9.55 -4.90 -3.46
CA ILE B 68 8.35 -5.75 -3.39
C ILE B 68 8.73 -7.24 -3.50
N ILE B 69 9.59 -7.57 -4.47
CA ILE B 69 10.03 -8.97 -4.68
C ILE B 69 10.83 -9.45 -3.45
N LEU B 70 11.73 -8.61 -2.92
CA LEU B 70 12.51 -8.93 -1.73
C LEU B 70 11.59 -9.26 -0.57
N HIS B 71 10.55 -8.46 -0.34
CA HIS B 71 9.60 -8.71 0.76
C HIS B 71 9.09 -10.15 0.73
N GLU B 72 8.59 -10.59 -0.43
CA GLU B 72 8.04 -11.95 -0.58
C GLU B 72 9.10 -13.03 -0.47
N LEU B 73 10.26 -12.81 -1.10
CA LEU B 73 11.30 -13.84 -1.13
C LEU B 73 12.06 -13.92 0.18
N ILE B 74 12.09 -12.83 0.98
CA ILE B 74 12.67 -12.88 2.33
C ILE B 74 11.77 -13.78 3.19
N HIS B 75 10.43 -13.63 3.08
CA HIS B 75 9.50 -14.51 3.80
C HIS B 75 9.79 -15.97 3.50
N PHE B 76 9.98 -16.29 2.18
CA PHE B 76 10.26 -17.65 1.74
C PHE B 76 11.60 -18.17 2.31
N LYS B 77 12.66 -17.34 2.28
CA LYS B 77 13.97 -17.72 2.80
C LYS B 77 13.97 -18.02 4.30
N ILE B 78 13.38 -17.13 5.11
CA ILE B 78 13.43 -17.27 6.57
C ILE B 78 12.30 -18.16 7.13
N LYS B 79 11.39 -18.65 6.25
CA LYS B 79 10.24 -19.49 6.60
C LYS B 79 9.42 -18.86 7.75
N SER B 80 8.99 -17.61 7.53
CA SER B 80 8.19 -16.83 8.48
C SER B 80 7.38 -15.78 7.73
N ILE B 81 6.11 -15.59 8.12
CA ILE B 81 5.19 -14.58 7.56
C ILE B 81 5.32 -13.23 8.30
N ASN B 82 6.18 -13.17 9.34
CA ASN B 82 6.32 -11.95 10.12
C ASN B 82 7.48 -11.08 9.61
N HIS B 83 7.51 -9.81 10.09
CA HIS B 83 8.44 -8.79 9.59
C HIS B 83 9.39 -8.22 10.64
N GLY B 84 9.71 -9.03 11.67
CA GLY B 84 10.61 -8.64 12.76
C GLY B 84 12.08 -8.58 12.41
N ILE B 85 12.94 -8.82 13.42
CA ILE B 85 14.40 -8.68 13.26
C ILE B 85 15.03 -9.66 12.23
N LYS B 86 14.53 -10.90 12.09
CA LYS B 86 15.05 -11.86 11.11
C LYS B 86 14.76 -11.37 9.67
N PHE B 87 13.56 -10.83 9.46
CA PHE B 87 13.14 -10.26 8.18
C PHE B 87 13.97 -9.01 7.86
N GLU B 88 14.04 -8.07 8.83
CA GLU B 88 14.76 -6.81 8.75
C GLU B 88 16.25 -7.01 8.42
N ASN B 89 16.90 -7.99 9.07
CA ASN B 89 18.32 -8.27 8.83
C ASN B 89 18.59 -8.72 7.39
N GLU B 90 17.67 -9.46 6.79
CA GLU B 90 17.78 -9.87 5.38
C GLU B 90 17.59 -8.67 4.45
N LEU B 91 16.60 -7.81 4.73
CA LEU B 91 16.29 -6.63 3.92
C LEU B 91 17.42 -5.59 3.98
N ARG B 92 18.09 -5.46 5.14
CA ARG B 92 19.20 -4.53 5.38
C ARG B 92 20.43 -4.87 4.54
N ASN B 93 20.48 -6.07 3.96
CA ASN B 93 21.57 -6.44 3.04
C ASN B 93 21.35 -5.75 1.68
N TYR B 94 20.18 -5.13 1.48
CA TYR B 94 19.85 -4.45 0.21
C TYR B 94 19.53 -2.98 0.39
N PHE B 95 18.75 -2.65 1.43
CA PHE B 95 18.29 -1.29 1.67
C PHE B 95 18.40 -0.92 3.13
N SER B 96 18.91 0.29 3.39
CA SER B 96 19.02 0.84 4.74
C SER B 96 17.62 1.24 5.22
N LYS B 97 17.50 1.59 6.50
CA LYS B 97 16.22 2.03 7.05
C LYS B 97 15.73 3.27 6.29
N ASN B 98 16.64 4.24 6.03
CA ASN B 98 16.31 5.47 5.31
C ASN B 98 15.89 5.16 3.87
N GLU B 99 16.56 4.22 3.19
CA GLU B 99 16.20 3.82 1.83
C GLU B 99 14.81 3.17 1.80
N CYS B 100 14.50 2.34 2.81
CA CYS B 100 13.18 1.71 2.94
C CYS B 100 12.10 2.74 3.20
N ASP B 101 12.39 3.79 4.00
CA ASP B 101 11.44 4.87 4.28
C ASP B 101 11.06 5.58 2.96
N GLU B 102 12.06 5.88 2.12
CA GLU B 102 11.85 6.55 0.83
C GLU B 102 11.04 5.67 -0.14
N ILE B 103 11.37 4.37 -0.24
CA ILE B 103 10.68 3.42 -1.10
C ILE B 103 9.25 3.26 -0.63
N GLU B 104 9.04 3.10 0.70
CA GLU B 104 7.69 2.93 1.26
C GLU B 104 6.82 4.13 0.98
N LEU B 105 7.38 5.35 1.06
CA LEU B 105 6.64 6.58 0.77
C LEU B 105 6.30 6.63 -0.74
N LYS B 106 7.23 6.21 -1.60
CA LYS B 106 7.00 6.18 -3.05
C LYS B 106 5.89 5.20 -3.43
N ILE B 107 5.85 4.03 -2.78
CA ILE B 107 4.81 3.02 -3.04
C ILE B 107 3.42 3.61 -2.64
N ILE B 108 3.33 4.25 -1.46
CA ILE B 108 2.07 4.87 -0.99
C ILE B 108 1.59 5.96 -1.96
N GLN B 109 2.54 6.78 -2.48
CA GLN B 109 2.20 7.87 -3.36
C GLN B 109 1.77 7.36 -4.76
N LYS B 110 2.09 6.10 -5.10
CA LYS B 110 1.64 5.41 -6.30
C LYS B 110 0.21 4.84 -6.08
N LEU B 111 -0.18 4.55 -4.82
CA LEU B 111 -1.48 3.95 -4.49
C LEU B 111 -2.57 4.94 -4.16
N ILE B 112 -2.24 6.05 -3.48
CA ILE B 112 -3.23 7.04 -3.05
C ILE B 112 -2.83 8.46 -3.49
ZN ZN C . -1.32 12.64 -2.67
C TRS D . -2.14 12.71 -5.61
C1 TRS D . -1.62 11.51 -6.43
C2 TRS D . -2.57 13.87 -6.52
C3 TRS D . -3.31 12.29 -4.73
N TRS D . -1.01 13.19 -4.74
O1 TRS D . -0.46 11.84 -7.18
O2 TRS D . -3.75 13.55 -7.24
O3 TRS D . -2.88 11.80 -3.47
S SO4 E . -12.89 12.38 -13.99
O1 SO4 E . -13.78 12.26 -12.84
O2 SO4 E . -12.21 13.67 -13.97
O3 SO4 E . -11.90 11.30 -13.94
O4 SO4 E . -13.66 12.24 -15.22
S SO4 F . -8.73 2.07 -12.96
O1 SO4 F . -9.99 2.76 -12.70
O2 SO4 F . -7.83 2.23 -11.80
O3 SO4 F . -8.07 2.65 -14.13
O4 SO4 F . -8.99 0.66 -13.19
CL CL G . 5.61 10.32 17.63
C1 GOL H . -5.15 -3.87 -5.02
O1 GOL H . -6.38 -3.66 -4.33
C2 GOL H . -5.00 -2.89 -6.16
O2 GOL H . -5.87 -3.26 -7.22
C3 GOL H . -3.57 -2.85 -6.65
O3 GOL H . -3.35 -1.68 -7.42
C1 GOL I . 5.50 13.58 -4.20
O1 GOL I . 5.22 14.45 -3.11
C2 GOL I . 6.38 14.25 -5.23
O2 GOL I . 7.55 14.75 -4.60
C3 GOL I . 6.76 13.21 -6.27
O3 GOL I . 7.73 13.73 -7.17
C1 GOL J . -21.00 15.65 0.47
O1 GOL J . -21.37 16.25 -0.76
C2 GOL J . -21.51 14.23 0.48
O2 GOL J . -22.86 14.19 0.95
C3 GOL J . -20.62 13.35 1.33
O3 GOL J . -21.11 12.02 1.37
C1 GOL K . -7.02 16.42 -10.77
O1 GOL K . -6.16 17.55 -10.91
C2 GOL K . -7.76 16.17 -12.06
O2 GOL K . -8.81 17.12 -12.23
C3 GOL K . -8.30 14.75 -12.13
O3 GOL K . -9.21 14.60 -13.22
C1 GOL L . 3.15 13.18 2.52
O1 GOL L . 3.31 14.16 3.55
C2 GOL L . 2.20 12.10 2.97
O2 GOL L . 2.66 11.52 4.19
C3 GOL L . 2.10 11.04 1.89
O3 GOL L . 1.25 9.97 2.30
ZN ZN M . 4.86 -9.77 4.52
C1 GOL N . 1.22 -11.81 5.07
O1 GOL N . 1.17 -12.38 6.37
C2 GOL N . 2.64 -11.82 4.56
O2 GOL N . 3.45 -10.98 5.40
C3 GOL N . 2.66 -11.31 3.13
O3 GOL N . 3.95 -10.81 2.77
S SO4 O . 4.59 -8.52 12.00
O1 SO4 O . 3.99 -8.46 13.30
O2 SO4 O . 4.30 -7.33 11.26
O3 SO4 O . 4.11 -9.71 11.34
O4 SO4 O . 6.02 -8.64 12.16
S SO4 P . -2.03 -21.44 -4.27
O1 SO4 P . -1.62 -21.97 -2.97
O2 SO4 P . -2.60 -20.10 -4.06
O3 SO4 P . -3.05 -22.32 -4.86
O4 SO4 P . -0.91 -21.34 -5.20
CL CL Q . 0.37 -20.54 1.80
CL CL R . -7.31 -11.78 -7.96
C1 GOL S . 21.76 5.23 4.02
O1 GOL S . 20.80 5.53 3.03
C2 GOL S . 21.31 5.76 5.36
O2 GOL S . 21.23 7.19 5.28
C3 GOL S . 22.24 5.37 6.48
O3 GOL S . 22.14 3.98 6.80
#